data_9MUI
#
_entry.id   9MUI
#
_cell.length_a   119.697
_cell.length_b   119.697
_cell.length_c   125.091
_cell.angle_alpha   90.000
_cell.angle_beta   90.000
_cell.angle_gamma   120.000
#
_symmetry.space_group_name_H-M   'H 3'
#
loop_
_entity.id
_entity.type
_entity.pdbx_description
1 polymer 'ADP-ribosyltransferase binding component'
2 non-polymer 'CALCIUM ION'
3 water water
#
_entity_poly.entity_id   1
_entity_poly.type   'polypeptide(L)'
_entity_poly.pdbx_seq_one_letter_code
;PTYFTNFDDYNNYPSTWSNVNTTNQDGLQGSANKLNGETKIKIPMSELKPYKRYVFSGYSKDPLTSNSIIVKIKAKEEKT
DYLVPEQGYTKFSYEFETTEKDSSNIEITLIGSGTTYLDNLSITELN
;
_entity_poly.pdbx_strand_id   A,B,C,D
#
loop_
_chem_comp.id
_chem_comp.type
_chem_comp.name
_chem_comp.formula
CA non-polymer 'CALCIUM ION' 'Ca 2'
#
# COMPACT_ATOMS: atom_id res chain seq x y z
N PRO A 1 -24.15 -6.58 -5.71
CA PRO A 1 -23.97 -7.05 -7.08
C PRO A 1 -25.27 -7.08 -7.89
N THR A 2 -25.24 -6.46 -9.06
CA THR A 2 -26.42 -6.43 -9.90
C THR A 2 -26.65 -7.78 -10.57
N TYR A 3 -25.61 -8.31 -11.24
CA TYR A 3 -25.64 -9.62 -11.88
C TYR A 3 -24.56 -10.49 -11.29
N PHE A 4 -24.85 -11.78 -11.15
CA PHE A 4 -23.94 -12.71 -10.53
C PHE A 4 -24.19 -14.11 -11.06
N THR A 5 -23.11 -14.88 -11.23
CA THR A 5 -23.21 -16.31 -11.43
C THR A 5 -22.08 -16.99 -10.68
N ASN A 6 -22.40 -18.14 -10.08
CA ASN A 6 -21.43 -18.99 -9.41
C ASN A 6 -21.18 -20.28 -10.20
N PHE A 7 -21.71 -20.37 -11.41
CA PHE A 7 -21.58 -21.53 -12.26
C PHE A 7 -22.07 -22.81 -11.57
N ASP A 8 -22.96 -22.64 -10.58
CA ASP A 8 -23.55 -23.74 -9.85
C ASP A 8 -25.07 -23.57 -9.92
N ASP A 9 -25.70 -23.12 -8.85
CA ASP A 9 -27.14 -22.98 -8.81
C ASP A 9 -27.63 -21.59 -9.22
N TYR A 10 -26.78 -20.56 -9.16
CA TYR A 10 -27.23 -19.17 -9.30
C TYR A 10 -26.72 -18.50 -10.57
N ASN A 11 -27.64 -17.92 -11.34
CA ASN A 11 -27.28 -17.10 -12.50
C ASN A 11 -28.44 -16.17 -12.80
N ASN A 12 -28.27 -14.88 -12.51
CA ASN A 12 -29.29 -13.89 -12.84
C ASN A 12 -28.87 -12.96 -13.98
N TYR A 13 -27.82 -13.31 -14.74
CA TYR A 13 -27.48 -12.52 -15.92
C TYR A 13 -28.64 -12.50 -16.92
N PRO A 14 -28.89 -11.38 -17.60
CA PRO A 14 -29.99 -11.30 -18.57
C PRO A 14 -29.65 -11.85 -19.94
N SER A 15 -28.43 -12.34 -20.15
CA SER A 15 -28.03 -12.97 -21.40
C SER A 15 -27.08 -14.09 -21.04
N THR A 16 -26.78 -14.94 -22.01
CA THR A 16 -25.96 -16.09 -21.73
C THR A 16 -24.49 -15.76 -21.95
N TRP A 17 -23.66 -16.30 -21.08
CA TRP A 17 -22.23 -16.34 -21.34
C TRP A 17 -22.00 -17.46 -22.32
N SER A 18 -21.24 -17.20 -23.37
CA SER A 18 -20.91 -18.24 -24.33
C SER A 18 -19.78 -19.13 -23.81
N ASN A 19 -19.73 -20.36 -24.35
CA ASN A 19 -18.64 -21.32 -24.15
C ASN A 19 -18.38 -21.60 -22.67
N VAL A 20 -19.44 -21.95 -21.95
CA VAL A 20 -19.38 -22.21 -20.52
C VAL A 20 -19.26 -23.71 -20.32
N ASN A 21 -18.22 -24.14 -19.59
CA ASN A 21 -17.93 -25.54 -19.34
C ASN A 21 -17.83 -25.74 -17.83
N THR A 22 -18.90 -26.21 -17.19
CA THR A 22 -18.93 -26.33 -15.74
C THR A 22 -18.95 -27.79 -15.28
N THR A 23 -18.56 -28.72 -16.14
CA THR A 23 -18.50 -30.13 -15.76
C THR A 23 -17.18 -30.42 -15.06
N ASN A 24 -16.99 -29.78 -13.91
CA ASN A 24 -15.78 -29.88 -13.11
C ASN A 24 -16.13 -29.54 -11.67
N GLN A 25 -15.21 -29.84 -10.75
CA GLN A 25 -15.36 -29.50 -9.34
C GLN A 25 -14.19 -28.63 -8.88
N ASP A 26 -13.77 -27.71 -9.76
CA ASP A 26 -12.61 -26.84 -9.58
C ASP A 26 -12.97 -25.39 -9.24
N GLY A 27 -14.23 -25.12 -8.81
CA GLY A 27 -14.64 -23.76 -8.54
C GLY A 27 -14.06 -23.22 -7.23
N LEU A 28 -14.19 -21.90 -7.04
CA LEU A 28 -14.01 -21.34 -5.70
C LEU A 28 -14.91 -22.06 -4.71
N GLN A 29 -16.17 -22.27 -5.08
CA GLN A 29 -17.03 -23.24 -4.44
CA GLN A 29 -17.00 -23.28 -4.44
C GLN A 29 -17.70 -24.02 -5.57
N GLY A 30 -17.93 -25.31 -5.38
CA GLY A 30 -18.58 -26.08 -6.43
C GLY A 30 -17.82 -26.10 -7.76
N SER A 31 -18.55 -25.82 -8.85
CA SER A 31 -18.02 -25.84 -10.21
C SER A 31 -17.47 -24.45 -10.61
N ALA A 32 -16.54 -24.49 -11.56
CA ALA A 32 -15.98 -23.32 -12.22
C ALA A 32 -16.36 -23.34 -13.69
N ASN A 33 -16.26 -22.18 -14.37
CA ASN A 33 -16.20 -22.18 -15.82
C ASN A 33 -14.76 -22.52 -16.22
N LYS A 34 -14.57 -23.70 -16.79
CA LYS A 34 -13.27 -24.12 -17.33
C LYS A 34 -13.11 -23.46 -18.69
N LEU A 35 -12.30 -22.41 -18.74
CA LEU A 35 -12.14 -21.59 -19.94
C LEU A 35 -11.08 -22.18 -20.88
N ASN A 36 -11.52 -22.61 -22.05
CA ASN A 36 -10.66 -22.96 -23.19
C ASN A 36 -11.15 -22.11 -24.34
N GLY A 37 -10.42 -21.06 -24.64
CA GLY A 37 -10.82 -20.14 -25.70
C GLY A 37 -11.44 -18.89 -25.13
N GLU A 38 -12.62 -18.53 -25.64
CA GLU A 38 -13.26 -17.25 -25.34
C GLU A 38 -14.62 -17.49 -24.69
N THR A 39 -14.96 -16.66 -23.72
CA THR A 39 -16.31 -16.63 -23.17
C THR A 39 -16.80 -15.18 -23.25
N LYS A 40 -17.96 -14.97 -23.88
CA LYS A 40 -18.43 -13.63 -24.20
C LYS A 40 -19.88 -13.44 -23.77
N ILE A 41 -20.24 -12.23 -23.36
CA ILE A 41 -21.63 -11.90 -23.06
C ILE A 41 -21.95 -10.52 -23.65
N LYS A 42 -23.14 -10.41 -24.25
CA LYS A 42 -23.69 -9.13 -24.66
C LYS A 42 -24.87 -8.79 -23.75
N ILE A 43 -24.78 -7.69 -23.03
CA ILE A 43 -25.84 -7.25 -22.12
C ILE A 43 -26.52 -6.03 -22.73
N PRO A 44 -27.80 -6.11 -23.10
CA PRO A 44 -28.50 -4.94 -23.65
C PRO A 44 -28.53 -3.78 -22.67
N MET A 45 -28.50 -2.57 -23.21
CA MET A 45 -28.56 -1.39 -22.36
C MET A 45 -29.94 -1.25 -21.68
N SER A 46 -30.97 -1.90 -22.23
CA SER A 46 -32.25 -2.01 -21.52
C SER A 46 -32.10 -2.70 -20.17
N GLU A 47 -31.06 -3.51 -19.97
CA GLU A 47 -30.84 -4.23 -18.72
C GLU A 47 -29.82 -3.56 -17.81
N LEU A 48 -29.39 -2.34 -18.13
CA LEU A 48 -28.43 -1.61 -17.32
C LEU A 48 -28.92 -0.18 -17.11
N LYS A 49 -28.31 0.52 -16.12
CA LYS A 49 -28.64 1.93 -15.89
C LYS A 49 -27.79 2.86 -16.76
N PRO A 50 -28.36 3.96 -17.23
CA PRO A 50 -27.57 4.89 -18.07
C PRO A 50 -26.63 5.73 -17.23
N TYR A 51 -25.52 6.16 -17.86
CA TYR A 51 -24.53 7.07 -17.26
C TYR A 51 -24.10 6.58 -15.88
N LYS A 52 -23.78 5.29 -15.82
CA LYS A 52 -23.43 4.61 -14.59
C LYS A 52 -22.04 4.01 -14.76
N ARG A 53 -21.26 3.99 -13.68
CA ARG A 53 -20.01 3.26 -13.69
C ARG A 53 -20.22 1.93 -12.96
N TYR A 54 -19.67 0.87 -13.55
CA TYR A 54 -19.82 -0.49 -13.08
C TYR A 54 -18.45 -1.10 -12.90
N VAL A 55 -18.41 -2.19 -12.15
CA VAL A 55 -17.21 -3.01 -12.03
C VAL A 55 -17.58 -4.45 -12.37
N PHE A 56 -16.83 -5.05 -13.30
CA PHE A 56 -16.93 -6.46 -13.64
C PHE A 56 -15.86 -7.16 -12.82
N SER A 57 -16.28 -8.02 -11.91
CA SER A 57 -15.32 -8.74 -11.08
C SER A 57 -15.54 -10.24 -11.19
N GLY A 58 -14.63 -10.96 -10.55
CA GLY A 58 -14.61 -12.39 -10.62
C GLY A 58 -13.33 -12.94 -10.01
N TYR A 59 -13.19 -14.24 -10.12
CA TYR A 59 -12.05 -14.97 -9.60
C TYR A 59 -11.49 -15.84 -10.71
N SER A 60 -10.17 -15.87 -10.81
CA SER A 60 -9.54 -16.73 -11.80
C SER A 60 -8.39 -17.50 -11.16
N LYS A 61 -8.04 -18.62 -11.78
CA LYS A 61 -6.85 -19.33 -11.37
C LYS A 61 -6.35 -20.18 -12.53
N ASP A 62 -5.04 -20.47 -12.48
CA ASP A 62 -4.41 -21.43 -13.38
C ASP A 62 -3.48 -22.30 -12.53
N PRO A 63 -3.90 -23.53 -12.18
CA PRO A 63 -3.05 -24.42 -11.36
C PRO A 63 -1.64 -24.63 -11.92
N LEU A 64 -1.45 -24.68 -13.24
CA LEU A 64 -0.14 -24.83 -13.86
C LEU A 64 0.58 -23.50 -14.06
N THR A 65 -0.06 -22.40 -13.71
CA THR A 65 0.44 -21.02 -13.80
C THR A 65 1.27 -20.74 -15.05
N SER A 66 0.79 -21.16 -16.23
CA SER A 66 1.48 -20.87 -17.48
C SER A 66 0.58 -20.21 -18.53
N ASN A 67 -0.52 -19.58 -18.12
CA ASN A 67 -1.50 -19.03 -19.06
C ASN A 67 -1.87 -17.62 -18.65
N SER A 68 -2.45 -16.88 -19.60
CA SER A 68 -2.98 -15.56 -19.28
C SER A 68 -4.27 -15.31 -20.06
N ILE A 69 -4.94 -14.22 -19.72
CA ILE A 69 -6.29 -13.95 -20.20
C ILE A 69 -6.36 -12.49 -20.65
N ILE A 70 -7.04 -12.24 -21.77
CA ILE A 70 -7.37 -10.89 -22.20
C ILE A 70 -8.81 -10.62 -21.80
N VAL A 71 -9.04 -9.55 -21.06
CA VAL A 71 -10.40 -9.09 -20.75
C VAL A 71 -10.68 -7.88 -21.63
N LYS A 72 -11.75 -7.97 -22.42
CA LYS A 72 -12.18 -6.86 -23.26
C LYS A 72 -13.58 -6.44 -22.86
N ILE A 73 -13.75 -5.16 -22.60
CA ILE A 73 -15.06 -4.62 -22.27
C ILE A 73 -15.37 -3.50 -23.25
N LYS A 74 -16.48 -3.63 -23.96
CA LYS A 74 -16.94 -2.67 -24.95
C LYS A 74 -18.14 -1.98 -24.31
N ALA A 75 -17.91 -0.79 -23.78
CA ALA A 75 -18.96 0.01 -23.17
C ALA A 75 -18.86 1.46 -23.64
N LYS A 76 -18.82 2.42 -22.73
CA LYS A 76 -18.56 3.80 -23.14
C LYS A 76 -17.25 3.89 -23.92
N GLU A 77 -16.17 3.36 -23.35
CA GLU A 77 -14.91 3.11 -24.03
C GLU A 77 -14.79 1.62 -24.37
N GLU A 78 -13.86 1.29 -25.25
CA GLU A 78 -13.57 -0.08 -25.65
C GLU A 78 -12.16 -0.46 -25.18
N LYS A 79 -12.04 -0.82 -23.90
CA LYS A 79 -10.75 -1.05 -23.26
C LYS A 79 -10.44 -2.53 -23.12
N THR A 80 -9.17 -2.89 -23.32
CA THR A 80 -8.71 -4.25 -23.22
C THR A 80 -7.70 -4.34 -22.08
N ASP A 81 -7.64 -5.48 -21.39
CA ASP A 81 -6.77 -5.62 -20.23
C ASP A 81 -6.12 -6.99 -20.23
N TYR A 82 -5.03 -7.10 -19.45
CA TYR A 82 -4.23 -8.30 -19.36
C TYR A 82 -4.35 -8.88 -17.95
N LEU A 83 -4.82 -10.12 -17.86
CA LEU A 83 -5.10 -10.77 -16.58
C LEU A 83 -4.23 -12.02 -16.45
N VAL A 84 -3.40 -12.08 -15.40
CA VAL A 84 -2.50 -13.20 -15.19
C VAL A 84 -2.96 -13.98 -13.96
N PRO A 85 -3.61 -15.12 -14.13
CA PRO A 85 -4.07 -15.90 -12.98
C PRO A 85 -2.89 -16.50 -12.20
N GLU A 86 -3.05 -16.53 -10.89
CA GLU A 86 -2.16 -17.24 -10.00
C GLU A 86 -2.57 -18.71 -9.87
N GLN A 87 -1.78 -19.46 -9.11
CA GLN A 87 -2.03 -20.87 -8.94
C GLN A 87 -3.36 -21.12 -8.25
N GLY A 88 -3.69 -20.28 -7.28
CA GLY A 88 -4.93 -20.38 -6.55
C GLY A 88 -5.78 -19.19 -6.94
N TYR A 89 -7.03 -19.23 -6.53
CA TYR A 89 -8.00 -18.21 -6.92
C TYR A 89 -7.65 -16.86 -6.32
N THR A 90 -7.71 -15.82 -7.13
CA THR A 90 -7.59 -14.45 -6.70
C THR A 90 -8.65 -13.63 -7.45
N LYS A 91 -9.06 -12.53 -6.83
CA LYS A 91 -10.12 -11.69 -7.38
C LYS A 91 -9.56 -10.70 -8.40
N PHE A 92 -10.27 -10.52 -9.51
CA PHE A 92 -9.96 -9.46 -10.46
C PHE A 92 -11.13 -8.47 -10.51
N SER A 93 -10.84 -7.23 -10.87
CA SER A 93 -11.86 -6.19 -10.99
C SER A 93 -11.53 -5.27 -12.15
N TYR A 94 -12.55 -4.89 -12.94
CA TYR A 94 -12.39 -4.02 -14.10
C TYR A 94 -13.58 -3.08 -14.20
N GLU A 95 -13.29 -1.77 -14.20
CA GLU A 95 -14.32 -0.77 -14.32
C GLU A 95 -14.70 -0.52 -15.78
N PHE A 96 -15.96 -0.15 -15.99
CA PHE A 96 -16.48 0.30 -17.28
C PHE A 96 -17.67 1.23 -17.00
N GLU A 97 -18.14 1.93 -18.03
CA GLU A 97 -19.22 2.89 -17.85
C GLU A 97 -20.25 2.78 -18.98
N THR A 98 -21.48 3.16 -18.65
CA THR A 98 -22.56 3.23 -19.63
C THR A 98 -22.86 4.69 -19.98
N THR A 99 -23.43 4.89 -21.17
CA THR A 99 -24.00 6.19 -21.52
C THR A 99 -25.52 6.13 -21.62
N GLU A 100 -26.09 6.34 -22.81
CA GLU A 100 -27.55 6.39 -22.94
C GLU A 100 -28.16 4.99 -22.91
N LYS A 101 -29.46 4.95 -22.58
CA LYS A 101 -30.24 3.71 -22.59
C LYS A 101 -30.79 3.42 -23.99
N ASP A 102 -29.88 3.30 -24.94
CA ASP A 102 -30.21 2.96 -26.33
C ASP A 102 -30.53 1.47 -26.42
N SER A 103 -30.54 0.91 -27.65
CA SER A 103 -30.67 -0.53 -27.88
C SER A 103 -29.36 -1.16 -28.35
N SER A 104 -28.22 -0.56 -27.94
CA SER A 104 -26.92 -1.21 -28.03
C SER A 104 -26.69 -2.10 -26.81
N ASN A 105 -25.60 -2.87 -26.86
CA ASN A 105 -25.20 -3.71 -25.74
C ASN A 105 -23.80 -3.35 -25.28
N ILE A 106 -23.57 -3.48 -24.01
CA ILE A 106 -22.17 -3.55 -23.58
C ILE A 106 -21.72 -4.99 -23.74
N GLU A 107 -20.43 -5.18 -24.01
CA GLU A 107 -19.88 -6.49 -24.34
C GLU A 107 -18.73 -6.80 -23.38
N ILE A 108 -18.72 -8.00 -22.81
CA ILE A 108 -17.64 -8.42 -21.95
C ILE A 108 -17.10 -9.72 -22.50
N THR A 109 -15.79 -9.75 -22.78
CA THR A 109 -15.11 -10.88 -23.39
C THR A 109 -13.92 -11.25 -22.54
N LEU A 110 -13.79 -12.53 -22.21
CA LEU A 110 -12.56 -13.08 -21.64
C LEU A 110 -11.98 -14.13 -22.59
N ILE A 111 -10.71 -13.96 -22.98
CA ILE A 111 -10.08 -14.88 -23.92
C ILE A 111 -8.80 -15.37 -23.29
N GLY A 112 -8.68 -16.68 -23.12
CA GLY A 112 -7.51 -17.21 -22.45
C GLY A 112 -6.64 -18.11 -23.30
N SER A 113 -5.38 -18.27 -22.90
CA SER A 113 -4.56 -19.34 -23.43
C SER A 113 -4.75 -20.62 -22.62
N GLY A 114 -4.45 -21.74 -23.25
CA GLY A 114 -4.55 -23.03 -22.56
C GLY A 114 -5.85 -23.20 -21.81
N THR A 115 -5.73 -23.54 -20.53
CA THR A 115 -6.88 -23.84 -19.69
C THR A 115 -6.78 -23.04 -18.40
N THR A 116 -7.79 -22.21 -18.13
CA THR A 116 -7.86 -21.45 -16.91
C THR A 116 -9.25 -21.65 -16.31
N TYR A 117 -9.43 -21.25 -15.06
CA TYR A 117 -10.70 -21.45 -14.38
C TYR A 117 -11.26 -20.12 -13.89
N LEU A 118 -12.55 -19.93 -14.09
CA LEU A 118 -13.25 -18.70 -13.73
C LEU A 118 -14.41 -19.06 -12.80
N ASP A 119 -14.62 -18.24 -11.78
CA ASP A 119 -15.76 -18.43 -10.90
C ASP A 119 -16.27 -17.10 -10.35
N ASN A 120 -17.55 -17.12 -9.95
CA ASN A 120 -18.23 -16.02 -9.26
C ASN A 120 -18.06 -14.68 -9.99
N LEU A 121 -18.50 -14.65 -11.24
CA LEU A 121 -18.44 -13.44 -12.06
C LEU A 121 -19.58 -12.50 -11.70
N SER A 122 -19.25 -11.24 -11.37
CA SER A 122 -20.28 -10.27 -10.99
C SER A 122 -20.13 -8.96 -11.75
N ILE A 123 -21.26 -8.26 -11.84
CA ILE A 123 -21.33 -6.88 -12.30
C ILE A 123 -21.99 -6.07 -11.18
N THR A 124 -21.30 -5.04 -10.70
CA THR A 124 -21.74 -4.25 -9.56
C THR A 124 -21.71 -2.77 -9.90
N GLU A 125 -22.75 -2.05 -9.43
CA GLU A 125 -22.81 -0.61 -9.58
C GLU A 125 -21.83 0.09 -8.65
N LEU A 126 -21.25 1.19 -9.12
CA LEU A 126 -20.43 2.07 -8.30
C LEU A 126 -20.90 3.52 -8.44
N ASN A 127 -20.28 4.40 -7.64
CA ASN A 127 -20.32 5.86 -7.82
C ASN A 127 -19.49 6.55 -6.75
N PRO B 1 -0.72 -11.68 12.62
CA PRO B 1 -0.88 -11.31 14.04
C PRO B 1 -2.16 -10.51 14.28
N THR B 2 -2.89 -10.89 15.33
CA THR B 2 -4.16 -10.25 15.58
C THR B 2 -3.97 -8.94 16.30
N TYR B 3 -3.18 -8.95 17.39
CA TYR B 3 -2.85 -7.75 18.15
C TYR B 3 -1.34 -7.60 18.19
N PHE B 4 -0.88 -6.35 18.11
CA PHE B 4 0.55 -6.08 18.07
C PHE B 4 0.82 -4.69 18.62
N THR B 5 1.97 -4.56 19.27
CA THR B 5 2.49 -3.25 19.64
C THR B 5 4.00 -3.26 19.49
N ASN B 6 4.54 -2.18 18.94
CA ASN B 6 5.99 -1.99 18.86
C ASN B 6 6.46 -0.93 19.84
N PHE B 7 5.59 -0.46 20.73
CA PHE B 7 5.90 0.58 21.71
C PHE B 7 6.42 1.85 21.03
N ASP B 8 6.13 2.00 19.75
CA ASP B 8 6.50 3.17 18.97
C ASP B 8 5.24 3.82 18.39
N ASP B 9 5.02 3.67 17.09
CA ASP B 9 3.86 4.21 16.40
C ASP B 9 2.62 3.31 16.48
N TYR B 10 2.80 1.97 16.55
CA TYR B 10 1.71 1.01 16.35
C TYR B 10 1.23 0.35 17.65
N ASN B 11 -0.07 0.46 17.92
CA ASN B 11 -0.66 -0.34 19.00
C ASN B 11 -2.12 -0.65 18.64
N ASN B 12 -2.36 -1.94 18.45
CA ASN B 12 -3.59 -2.59 17.99
C ASN B 12 -4.47 -3.11 19.13
N TYR B 13 -3.92 -3.22 20.32
CA TYR B 13 -4.55 -3.94 21.41
C TYR B 13 -5.87 -3.27 21.81
N PRO B 14 -6.88 -4.06 22.19
CA PRO B 14 -8.18 -3.49 22.58
C PRO B 14 -8.26 -3.03 24.02
N SER B 15 -7.25 -3.30 24.83
CA SER B 15 -7.10 -2.73 26.16
C SER B 15 -5.67 -2.25 26.34
N THR B 16 -5.41 -1.67 27.50
CA THR B 16 -4.10 -1.06 27.72
C THR B 16 -3.20 -2.01 28.49
N TRP B 17 -1.95 -2.05 28.05
CA TRP B 17 -0.90 -2.64 28.87
C TRP B 17 -0.59 -1.67 29.99
N SER B 18 -0.57 -2.17 31.21
CA SER B 18 -0.27 -1.32 32.35
C SER B 18 1.24 -1.15 32.51
N ASN B 19 1.62 -0.07 33.21
CA ASN B 19 3.01 0.23 33.61
C ASN B 19 3.95 0.18 32.40
N VAL B 20 3.62 0.98 31.39
CA VAL B 20 4.39 1.01 30.16
C VAL B 20 5.31 2.22 30.21
N ASN B 21 6.61 1.99 29.99
CA ASN B 21 7.64 3.02 30.08
C ASN B 21 8.47 2.95 28.80
N THR B 22 8.17 3.84 27.85
CA THR B 22 8.81 3.82 26.53
C THR B 22 9.69 5.04 26.28
N THR B 23 10.13 5.73 27.34
CA THR B 23 11.04 6.87 27.19
C THR B 23 12.48 6.35 27.16
N ASN B 24 12.81 5.67 26.06
CA ASN B 24 14.10 5.02 25.87
C ASN B 24 14.27 4.74 24.38
N GLN B 25 15.50 4.43 23.98
CA GLN B 25 15.79 4.08 22.60
C GLN B 25 16.42 2.68 22.54
N ASP B 26 15.93 1.79 23.41
CA ASP B 26 16.47 0.46 23.62
C ASP B 26 15.62 -0.64 22.98
N GLY B 27 14.69 -0.29 22.09
CA GLY B 27 13.85 -1.29 21.48
C GLY B 27 14.56 -2.13 20.45
N LEU B 28 13.92 -3.23 20.04
CA LEU B 28 14.40 -3.96 18.87
C LEU B 28 14.48 -3.00 17.68
N GLN B 29 13.49 -2.15 17.55
CA GLN B 29 13.55 -0.94 16.77
C GLN B 29 12.91 0.12 17.64
N GLY B 30 13.40 1.35 17.56
CA GLY B 30 12.77 2.43 18.32
C GLY B 30 12.85 2.22 19.83
N SER B 31 11.73 2.51 20.48
CA SER B 31 11.56 2.36 21.92
C SER B 31 11.20 0.93 22.32
N ALA B 32 11.58 0.58 23.55
CA ALA B 32 11.14 -0.62 24.23
C ALA B 32 10.21 -0.25 25.37
N ASN B 33 9.45 -1.22 25.85
CA ASN B 33 8.84 -1.06 27.17
C ASN B 33 9.91 -1.46 28.18
N LYS B 34 10.42 -0.48 28.91
CA LYS B 34 11.39 -0.74 29.97
C LYS B 34 10.61 -1.27 31.17
N LEU B 35 10.76 -2.56 31.46
CA LEU B 35 9.95 -3.22 32.47
C LEU B 35 10.64 -3.17 33.84
N ASN B 36 9.99 -2.48 34.78
CA ASN B 36 10.35 -2.43 36.20
C ASN B 36 9.08 -2.86 36.94
N GLY B 37 9.06 -4.09 37.43
CA GLY B 37 7.86 -4.61 38.05
C GLY B 37 7.01 -5.44 37.11
N GLU B 38 5.77 -5.07 36.94
CA GLU B 38 4.85 -5.89 36.18
C GLU B 38 4.07 -5.04 35.17
N THR B 39 3.81 -5.65 34.02
CA THR B 39 2.96 -5.08 32.98
C THR B 39 1.87 -6.11 32.66
N LYS B 40 0.62 -5.65 32.65
CA LYS B 40 -0.55 -6.53 32.64
C LYS B 40 -1.58 -6.06 31.61
N ILE B 41 -2.24 -6.99 30.95
CA ILE B 41 -3.35 -6.62 30.08
C ILE B 41 -4.52 -7.60 30.30
N LYS B 42 -5.73 -7.05 30.28
CA LYS B 42 -6.97 -7.83 30.30
C LYS B 42 -7.66 -7.66 28.95
N ILE B 43 -7.79 -8.75 28.21
CA ILE B 43 -8.39 -8.68 26.88
C ILE B 43 -9.75 -9.37 26.95
N PRO B 44 -10.86 -8.63 26.76
CA PRO B 44 -12.18 -9.25 26.87
C PRO B 44 -12.37 -10.35 25.84
N MET B 45 -13.10 -11.40 26.24
CA MET B 45 -13.43 -12.49 25.32
C MET B 45 -14.22 -11.97 24.11
N SER B 46 -14.96 -10.86 24.26
CA SER B 46 -15.62 -10.28 23.09
C SER B 46 -14.64 -9.83 22.01
N GLU B 47 -13.34 -9.72 22.29
CA GLU B 47 -12.33 -9.33 21.31
C GLU B 47 -11.51 -10.51 20.83
N LEU B 48 -11.90 -11.74 21.17
CA LEU B 48 -11.17 -12.91 20.75
C LEU B 48 -12.14 -13.95 20.20
N LYS B 49 -11.59 -14.93 19.51
CA LYS B 49 -12.40 -16.01 18.98
C LYS B 49 -12.52 -17.15 20.01
N PRO B 50 -13.70 -17.75 20.14
CA PRO B 50 -13.88 -18.80 21.14
C PRO B 50 -13.22 -20.10 20.71
N TYR B 51 -12.85 -20.91 21.70
CA TYR B 51 -12.26 -22.25 21.47
C TYR B 51 -11.15 -22.21 20.40
N LYS B 52 -10.21 -21.29 20.61
CA LYS B 52 -9.13 -21.02 19.67
C LYS B 52 -7.77 -21.13 20.34
N ARG B 53 -6.81 -21.67 19.61
CA ARG B 53 -5.42 -21.64 20.06
C ARG B 53 -4.79 -20.31 19.67
N TYR B 54 -4.10 -19.70 20.62
CA TYR B 54 -3.42 -18.42 20.44
C TYR B 54 -1.97 -18.54 20.91
N VAL B 55 -1.12 -17.65 20.40
CA VAL B 55 0.26 -17.56 20.86
C VAL B 55 0.57 -16.12 21.24
N PHE B 56 1.06 -15.93 22.48
CA PHE B 56 1.57 -14.64 22.94
C PHE B 56 3.07 -14.64 22.71
N SER B 57 3.55 -13.73 21.86
CA SER B 57 4.96 -13.70 21.57
C SER B 57 5.53 -12.29 21.72
N GLY B 58 6.85 -12.21 21.69
CA GLY B 58 7.53 -10.95 21.84
C GLY B 58 9.02 -11.17 21.96
N TYR B 59 9.72 -10.08 22.25
CA TYR B 59 11.16 -10.08 22.36
C TYR B 59 11.55 -9.49 23.71
N SER B 60 12.52 -10.10 24.37
CA SER B 60 12.99 -9.57 25.64
C SER B 60 14.50 -9.52 25.64
N LYS B 61 15.04 -8.61 26.44
CA LYS B 61 16.49 -8.59 26.65
C LYS B 61 16.79 -8.00 28.02
N ASP B 62 17.96 -8.36 28.54
CA ASP B 62 18.54 -7.77 29.75
C ASP B 62 20.02 -7.59 29.49
N PRO B 63 20.46 -6.37 29.20
CA PRO B 63 21.90 -6.15 28.89
C PRO B 63 22.84 -6.55 30.03
N LEU B 64 22.39 -6.56 31.30
CA LEU B 64 23.21 -6.99 32.43
C LEU B 64 23.03 -8.46 32.79
N THR B 65 22.17 -9.19 32.07
CA THR B 65 21.90 -10.64 32.24
C THR B 65 21.89 -11.09 33.69
N SER B 66 21.18 -10.36 34.52
CA SER B 66 21.03 -10.75 35.92
C SER B 66 19.58 -10.70 36.39
N ASN B 67 18.60 -10.80 35.48
CA ASN B 67 17.20 -10.72 35.85
C ASN B 67 16.39 -11.77 35.11
N SER B 68 15.18 -12.00 35.59
CA SER B 68 14.28 -12.96 34.94
C SER B 68 12.85 -12.45 35.04
N ILE B 69 11.94 -13.12 34.33
CA ILE B 69 10.57 -12.65 34.14
C ILE B 69 9.62 -13.82 34.32
N ILE B 70 8.49 -13.56 34.98
CA ILE B 70 7.42 -14.54 35.09
C ILE B 70 6.34 -14.13 34.09
N VAL B 71 5.97 -15.05 33.21
CA VAL B 71 4.82 -14.84 32.34
C VAL B 71 3.66 -15.66 32.88
N LYS B 72 2.58 -14.96 33.23
CA LYS B 72 1.33 -15.54 33.65
C LYS B 72 0.26 -15.26 32.59
N ILE B 73 -0.38 -16.32 32.11
CA ILE B 73 -1.52 -16.20 31.20
C ILE B 73 -2.71 -16.91 31.85
N LYS B 74 -3.77 -16.16 32.09
CA LYS B 74 -5.04 -16.68 32.60
C LYS B 74 -5.98 -16.81 31.40
N ALA B 75 -6.15 -18.05 30.93
CA ALA B 75 -7.01 -18.33 29.79
C ALA B 75 -7.86 -19.58 30.06
N LYS B 76 -7.85 -20.56 29.15
CA LYS B 76 -8.50 -21.83 29.49
C LYS B 76 -7.84 -22.44 30.74
N GLU B 77 -6.52 -22.39 30.80
CA GLU B 77 -5.75 -22.73 31.98
C GLU B 77 -5.07 -21.47 32.54
N GLU B 78 -4.60 -21.56 33.76
CA GLU B 78 -3.99 -20.44 34.47
C GLU B 78 -2.62 -20.91 34.93
N LYS B 79 -1.61 -20.80 34.05
CA LYS B 79 -0.27 -21.26 34.37
C LYS B 79 0.76 -20.14 34.20
N THR B 80 1.86 -20.26 34.95
CA THR B 80 3.00 -19.36 34.86
C THR B 80 4.15 -20.03 34.12
N ASP B 81 4.94 -19.22 33.43
CA ASP B 81 6.16 -19.65 32.77
C ASP B 81 7.31 -18.78 33.28
N TYR B 82 8.54 -19.26 33.08
CA TYR B 82 9.73 -18.59 33.56
C TYR B 82 10.60 -18.24 32.37
N LEU B 83 10.87 -16.96 32.18
CA LEU B 83 11.58 -16.47 31.01
C LEU B 83 12.87 -15.79 31.47
N VAL B 84 14.00 -16.26 30.94
CA VAL B 84 15.30 -15.68 31.27
C VAL B 84 15.82 -14.91 30.05
N PRO B 85 15.76 -13.58 30.06
CA PRO B 85 16.27 -12.80 28.90
C PRO B 85 17.78 -12.93 28.72
N GLU B 86 18.21 -12.95 27.47
CA GLU B 86 19.62 -12.87 27.15
C GLU B 86 20.06 -11.41 27.03
N GLN B 87 21.36 -11.23 26.80
CA GLN B 87 21.94 -9.89 26.70
C GLN B 87 21.35 -9.12 25.52
N GLY B 88 21.13 -9.80 24.39
CA GLY B 88 20.45 -9.23 23.27
C GLY B 88 19.04 -9.77 23.15
N TYR B 89 18.28 -9.17 22.24
CA TYR B 89 16.90 -9.55 22.04
C TYR B 89 16.80 -10.95 21.48
N THR B 90 15.88 -11.74 22.03
CA THR B 90 15.50 -13.04 21.49
C THR B 90 13.99 -13.20 21.64
N LYS B 91 13.42 -14.05 20.80
CA LYS B 91 11.98 -14.20 20.76
C LYS B 91 11.51 -15.17 21.85
N PHE B 92 10.40 -14.83 22.51
CA PHE B 92 9.68 -15.74 23.37
C PHE B 92 8.29 -15.97 22.80
N SER B 93 7.72 -17.15 23.11
CA SER B 93 6.38 -17.50 22.64
C SER B 93 5.70 -18.46 23.61
N TYR B 94 4.45 -18.14 23.96
CA TYR B 94 3.69 -18.91 24.94
C TYR B 94 2.29 -19.17 24.39
N GLU B 95 1.91 -20.44 24.31
CA GLU B 95 0.59 -20.78 23.80
C GLU B 95 -0.43 -20.72 24.91
N PHE B 96 -1.65 -20.35 24.52
CA PHE B 96 -2.80 -20.35 25.42
C PHE B 96 -4.03 -20.62 24.58
N GLU B 97 -5.13 -20.91 25.25
CA GLU B 97 -6.36 -21.26 24.57
C GLU B 97 -7.53 -20.49 25.16
N THR B 98 -8.52 -20.19 24.32
CA THR B 98 -9.79 -19.63 24.76
C THR B 98 -10.85 -20.72 24.84
N THR B 99 -11.90 -20.45 25.63
CA THR B 99 -13.08 -21.33 25.66
C THR B 99 -14.26 -20.52 25.11
N GLU B 100 -15.31 -20.31 25.90
CA GLU B 100 -16.47 -19.61 25.38
C GLU B 100 -16.21 -18.11 25.21
N LYS B 101 -17.02 -17.51 24.36
CA LYS B 101 -16.96 -16.08 24.10
C LYS B 101 -18.00 -15.36 24.95
N ASP B 102 -17.72 -15.30 26.25
CA ASP B 102 -18.58 -14.68 27.26
C ASP B 102 -18.00 -13.35 27.76
N SER B 103 -18.41 -12.96 28.97
CA SER B 103 -17.99 -11.73 29.63
C SER B 103 -16.61 -11.80 30.28
N SER B 104 -15.94 -12.94 30.28
CA SER B 104 -14.67 -13.00 31.00
C SER B 104 -13.55 -12.35 30.19
N ASN B 105 -12.40 -12.19 30.83
CA ASN B 105 -11.20 -11.66 30.21
C ASN B 105 -10.09 -12.71 30.19
N ILE B 106 -9.28 -12.65 29.16
CA ILE B 106 -7.96 -13.26 29.13
C ILE B 106 -7.00 -12.31 29.82
N GLU B 107 -6.11 -12.82 30.67
CA GLU B 107 -5.13 -11.96 31.33
C GLU B 107 -3.72 -12.38 30.98
N ILE B 108 -2.91 -11.42 30.56
CA ILE B 108 -1.49 -11.64 30.30
C ILE B 108 -0.70 -10.70 31.20
N THR B 109 0.24 -11.27 31.95
CA THR B 109 0.98 -10.59 32.99
C THR B 109 2.45 -10.97 32.85
N LEU B 110 3.31 -9.97 32.69
CA LEU B 110 4.75 -10.18 32.78
C LEU B 110 5.30 -9.45 34.00
N ILE B 111 6.02 -10.18 34.85
CA ILE B 111 6.58 -9.63 36.10
C ILE B 111 8.07 -9.89 36.11
N GLY B 112 8.87 -8.84 36.14
CA GLY B 112 10.30 -8.94 36.02
C GLY B 112 11.02 -8.48 37.28
N SER B 113 12.19 -9.04 37.51
CA SER B 113 13.14 -8.50 38.48
C SER B 113 13.96 -7.40 37.83
N GLY B 114 14.52 -6.51 38.67
CA GLY B 114 15.31 -5.38 38.21
C GLY B 114 14.77 -4.67 36.97
N THR B 115 15.59 -4.49 35.96
CA THR B 115 15.17 -3.80 34.76
C THR B 115 15.39 -4.71 33.55
N THR B 116 14.31 -4.95 32.80
CA THR B 116 14.39 -5.68 31.55
C THR B 116 13.66 -4.89 30.48
N TYR B 117 13.85 -5.28 29.22
CA TYR B 117 13.32 -4.56 28.07
C TYR B 117 12.44 -5.49 27.24
N LEU B 118 11.25 -5.01 26.91
CA LEU B 118 10.28 -5.78 26.13
C LEU B 118 9.95 -5.04 24.84
N ASP B 119 9.81 -5.77 23.74
CA ASP B 119 9.43 -5.13 22.48
C ASP B 119 8.63 -6.07 21.57
N ASN B 120 7.83 -5.47 20.69
CA ASN B 120 7.08 -6.17 19.63
C ASN B 120 6.24 -7.33 20.19
N LEU B 121 5.38 -7.00 21.15
CA LEU B 121 4.47 -7.97 21.75
C LEU B 121 3.27 -8.22 20.84
N SER B 122 3.03 -9.47 20.49
CA SER B 122 1.92 -9.83 19.63
C SER B 122 1.11 -11.01 20.16
N ILE B 123 -0.15 -11.05 19.71
CA ILE B 123 -1.04 -12.19 19.89
C ILE B 123 -1.49 -12.67 18.52
N THR B 124 -1.33 -13.96 18.28
CA THR B 124 -1.54 -14.57 16.98
C THR B 124 -2.38 -15.84 17.15
N GLU B 125 -3.44 -15.98 16.37
CA GLU B 125 -4.19 -17.22 16.39
C GLU B 125 -3.52 -18.25 15.47
N LEU B 126 -3.43 -19.50 15.95
CA LEU B 126 -3.05 -20.65 15.11
C LEU B 126 -4.26 -21.53 14.81
N ASN B 127 -4.12 -22.33 13.76
CA ASN B 127 -5.09 -23.41 13.41
C ASN B 127 -4.58 -24.27 12.24
N PRO C 1 15.85 6.86 -32.00
CA PRO C 1 15.61 7.26 -30.61
C PRO C 1 14.34 8.08 -30.44
N THR C 2 13.57 7.76 -29.40
CA THR C 2 12.33 8.45 -29.14
C THR C 2 12.59 9.79 -28.47
N TYR C 3 13.39 9.79 -27.40
CA TYR C 3 13.78 11.01 -26.70
C TYR C 3 15.30 11.11 -26.66
N PHE C 4 15.79 12.33 -26.76
CA PHE C 4 17.21 12.55 -26.87
C PHE C 4 17.53 13.96 -26.37
N THR C 5 18.66 14.09 -25.69
CA THR C 5 19.22 15.39 -25.40
C THR C 5 20.72 15.33 -25.61
N ASN C 6 21.29 16.42 -26.15
CA ASN C 6 22.73 16.55 -26.25
C ASN C 6 23.27 17.60 -25.28
N PHE C 7 22.41 18.18 -24.44
CA PHE C 7 22.78 19.21 -23.48
C PHE C 7 23.36 20.45 -24.19
N ASP C 8 23.03 20.61 -25.46
CA ASP C 8 23.44 21.73 -26.29
C ASP C 8 22.18 22.34 -26.92
N ASP C 9 21.94 22.08 -28.20
CA ASP C 9 20.81 22.67 -28.90
C ASP C 9 19.56 21.81 -28.93
N TYR C 10 19.67 20.50 -28.63
CA TYR C 10 18.56 19.58 -28.86
C TYR C 10 18.10 18.89 -27.57
N ASN C 11 16.79 18.92 -27.33
CA ASN C 11 16.19 18.18 -26.22
C ASN C 11 14.71 18.04 -26.54
N ASN C 12 14.25 16.80 -26.75
CA ASN C 12 12.83 16.59 -27.00
C ASN C 12 12.15 15.76 -25.91
N TYR C 13 12.79 15.65 -24.74
CA TYR C 13 12.17 14.98 -23.59
C TYR C 13 10.88 15.70 -23.20
N PRO C 14 9.81 14.95 -22.88
CA PRO C 14 8.54 15.56 -22.49
C PRO C 14 8.49 16.04 -21.04
N SER C 15 9.55 15.84 -20.26
CA SER C 15 9.69 16.38 -18.93
C SER C 15 11.12 16.86 -18.76
N THR C 16 11.39 17.53 -17.65
CA THR C 16 12.72 18.09 -17.41
C THR C 16 13.59 17.14 -16.61
N TRP C 17 14.85 17.07 -16.98
CA TRP C 17 15.86 16.45 -16.16
C TRP C 17 16.22 17.44 -15.06
N SER C 18 16.25 16.97 -13.80
CA SER C 18 16.62 17.81 -12.68
C SER C 18 18.12 17.94 -12.58
N ASN C 19 18.56 19.07 -12.00
CA ASN C 19 19.96 19.29 -11.60
C ASN C 19 20.90 19.18 -12.80
N VAL C 20 20.57 19.92 -13.86
CA VAL C 20 21.35 19.91 -15.08
C VAL C 20 22.29 21.11 -15.06
N ASN C 21 23.58 20.87 -15.30
CA ASN C 21 24.62 21.90 -15.25
C ASN C 21 25.45 21.77 -16.53
N THR C 22 25.14 22.62 -17.53
CA THR C 22 25.74 22.52 -18.87
C THR C 22 26.69 23.68 -19.19
N THR C 23 27.17 24.40 -18.17
CA THR C 23 28.07 25.53 -18.38
C THR C 23 29.52 25.03 -18.43
N ASN C 24 29.81 24.26 -19.47
CA ASN C 24 31.11 23.62 -19.64
C ASN C 24 31.28 23.26 -21.11
N GLN C 25 32.51 22.87 -21.47
CA GLN C 25 32.80 22.39 -22.82
C GLN C 25 33.39 20.97 -22.77
N ASP C 26 32.85 20.14 -21.87
CA ASP C 26 33.34 18.79 -21.63
C ASP C 26 32.45 17.70 -22.23
N GLY C 27 31.56 18.05 -23.17
CA GLY C 27 30.68 17.07 -23.75
C GLY C 27 31.40 16.12 -24.70
N LEU C 28 30.71 15.02 -25.06
CA LEU C 28 31.15 14.25 -26.21
C LEU C 28 31.26 15.16 -27.44
N GLN C 29 30.27 16.01 -27.62
CA GLN C 29 30.28 17.19 -28.47
C GLN C 29 29.74 18.33 -27.63
N GLY C 30 30.30 19.51 -27.76
CA GLY C 30 29.72 20.65 -27.07
C GLY C 30 29.79 20.51 -25.57
N SER C 31 28.67 20.80 -24.91
CA SER C 31 28.58 20.74 -23.47
C SER C 31 28.15 19.37 -22.97
N ALA C 32 28.42 19.12 -21.70
CA ALA C 32 27.98 17.93 -20.99
C ALA C 32 27.07 18.38 -19.87
N ASN C 33 26.29 17.44 -19.32
CA ASN C 33 25.71 17.65 -18.00
C ASN C 33 26.76 17.26 -16.98
N LYS C 34 27.29 18.26 -16.28
CA LYS C 34 28.27 18.05 -15.21
C LYS C 34 27.52 17.59 -13.97
N LEU C 35 27.60 16.29 -13.66
CA LEU C 35 26.75 15.68 -12.65
C LEU C 35 27.42 15.75 -11.28
N ASN C 36 26.80 16.51 -10.38
CA ASN C 36 27.14 16.57 -8.96
C ASN C 36 25.88 16.21 -8.20
N GLY C 37 25.82 14.99 -7.69
CA GLY C 37 24.65 14.54 -6.96
C GLY C 37 23.74 13.68 -7.83
N GLU C 38 22.46 14.05 -7.89
CA GLU C 38 21.46 13.25 -8.57
C GLU C 38 20.81 14.05 -9.71
N THR C 39 20.59 13.40 -10.84
CA THR C 39 19.78 13.94 -11.93
C THR C 39 18.64 12.97 -12.25
N LYS C 40 17.43 13.51 -12.38
CA LYS C 40 16.22 12.69 -12.36
C LYS C 40 15.18 13.19 -13.38
N ILE C 41 14.47 12.25 -13.99
CA ILE C 41 13.33 12.59 -14.85
C ILE C 41 12.16 11.67 -14.54
N LYS C 42 10.95 12.22 -14.58
CA LYS C 42 9.70 11.46 -14.49
C LYS C 42 8.99 11.61 -15.83
N ILE C 43 8.82 10.51 -16.56
CA ILE C 43 8.21 10.56 -17.88
C ILE C 43 6.82 9.93 -17.75
N PRO C 44 5.75 10.68 -17.97
CA PRO C 44 4.40 10.12 -17.83
C PRO C 44 4.17 9.00 -18.85
N MET C 45 3.42 7.99 -18.43
CA MET C 45 3.06 6.93 -19.35
C MET C 45 2.31 7.46 -20.56
N SER C 46 1.64 8.61 -20.44
CA SER C 46 0.94 9.17 -21.58
C SER C 46 1.90 9.54 -22.71
N GLU C 47 3.20 9.65 -22.42
CA GLU C 47 4.22 9.96 -23.43
C GLU C 47 4.99 8.73 -23.90
N LEU C 48 4.54 7.52 -23.56
CA LEU C 48 5.24 6.30 -23.93
C LEU C 48 4.25 5.29 -24.47
N LYS C 49 4.78 4.21 -25.02
CA LYS C 49 3.89 3.19 -25.53
C LYS C 49 3.73 2.06 -24.50
N PRO C 50 2.54 1.48 -24.41
CA PRO C 50 2.30 0.43 -23.43
C PRO C 50 2.93 -0.89 -23.84
N TYR C 51 3.25 -1.71 -22.82
CA TYR C 51 3.80 -3.06 -23.01
C TYR C 51 4.92 -3.05 -24.03
N LYS C 52 5.88 -2.17 -23.82
CA LYS C 52 6.97 -1.94 -24.75
C LYS C 52 8.31 -2.09 -24.04
N ARG C 53 9.31 -2.55 -24.77
CA ARG C 53 10.68 -2.61 -24.29
C ARG C 53 11.43 -1.37 -24.75
N TYR C 54 12.15 -0.73 -23.83
CA TYR C 54 12.91 0.48 -24.13
C TYR C 54 14.35 0.32 -23.67
N VAL C 55 15.21 1.17 -24.21
CA VAL C 55 16.59 1.25 -23.79
C VAL C 55 16.93 2.69 -23.44
N PHE C 56 17.42 2.90 -22.21
CA PHE C 56 17.99 4.17 -21.78
C PHE C 56 19.49 4.10 -21.97
N SER C 57 20.01 4.93 -22.85
CA SER C 57 21.44 4.92 -23.14
C SER C 57 22.02 6.33 -23.03
N GLY C 58 23.34 6.40 -23.15
CA GLY C 58 24.07 7.64 -22.99
C GLY C 58 25.55 7.37 -22.87
N TYR C 59 26.28 8.42 -22.57
CA TYR C 59 27.74 8.39 -22.46
C TYR C 59 28.15 9.03 -21.16
N SER C 60 29.14 8.43 -20.50
CA SER C 60 29.62 8.97 -19.24
C SER C 60 31.14 8.95 -19.24
N LYS C 61 31.71 9.81 -18.39
CA LYS C 61 33.15 9.78 -18.14
C LYS C 61 33.43 10.40 -16.78
N ASP C 62 34.63 10.11 -16.28
CA ASP C 62 35.18 10.75 -15.09
C ASP C 62 36.67 10.89 -15.38
N PRO C 63 37.14 12.09 -15.73
CA PRO C 63 38.57 12.25 -16.04
C PRO C 63 39.49 11.82 -14.89
N LEU C 64 39.02 11.88 -13.64
CA LEU C 64 39.82 11.48 -12.48
C LEU C 64 39.66 10.01 -12.11
N THR C 65 38.79 9.26 -12.83
CA THR C 65 38.38 7.88 -12.57
C THR C 65 38.38 7.51 -11.09
N SER C 66 37.68 8.29 -10.28
CA SER C 66 37.58 7.99 -8.87
C SER C 66 36.13 8.05 -8.38
N ASN C 67 35.16 7.98 -9.29
CA ASN C 67 33.75 8.10 -8.93
C ASN C 67 32.92 7.03 -9.60
N SER C 68 31.67 6.93 -9.17
CA SER C 68 30.77 5.91 -9.65
C SER C 68 29.36 6.49 -9.73
N ILE C 69 28.48 5.79 -10.44
CA ILE C 69 27.11 6.25 -10.66
C ILE C 69 26.14 5.09 -10.42
N ILE C 70 25.04 5.40 -9.76
CA ILE C 70 23.92 4.47 -9.63
C ILE C 70 22.86 4.89 -10.64
N VAL C 71 22.40 3.94 -11.46
CA VAL C 71 21.28 4.19 -12.37
C VAL C 71 20.06 3.44 -11.81
N LYS C 72 19.00 4.20 -11.53
CA LYS C 72 17.74 3.64 -11.08
C LYS C 72 16.67 3.89 -12.12
N ILE C 73 15.99 2.83 -12.54
CA ILE C 73 14.86 2.95 -13.44
C ILE C 73 13.66 2.31 -12.75
N LYS C 74 12.61 3.10 -12.57
CA LYS C 74 11.34 2.67 -11.99
C LYS C 74 10.36 2.54 -13.16
N ALA C 75 10.14 1.31 -13.61
CA ALA C 75 9.22 1.08 -14.72
C ALA C 75 8.38 -0.16 -14.39
N LYS C 76 8.28 -1.14 -15.30
CA LYS C 76 7.63 -2.39 -14.92
C LYS C 76 8.27 -2.97 -13.67
N GLU C 77 9.60 -3.04 -13.64
CA GLU C 77 10.39 -3.33 -12.45
C GLU C 77 11.08 -2.07 -11.95
N GLU C 78 11.51 -2.11 -10.70
CA GLU C 78 12.24 -1.04 -10.03
C GLU C 78 13.67 -1.52 -9.78
N LYS C 79 14.52 -1.39 -10.79
CA LYS C 79 15.87 -1.92 -10.80
C LYS C 79 16.91 -0.80 -10.57
N THR C 80 18.02 -1.17 -9.94
CA THR C 80 19.17 -0.32 -9.76
C THR C 80 20.39 -0.95 -10.42
N ASP C 81 21.24 -0.16 -11.07
CA ASP C 81 22.45 -0.64 -11.70
C ASP C 81 23.64 0.22 -11.27
N TYR C 82 24.84 -0.31 -11.43
CA TYR C 82 26.06 0.35 -10.99
C TYR C 82 26.97 0.63 -12.18
N LEU C 83 27.23 1.91 -12.42
CA LEU C 83 27.95 2.38 -13.59
C LEU C 83 29.27 3.00 -13.15
N VAL C 84 30.38 2.46 -13.64
CA VAL C 84 31.71 3.02 -13.36
C VAL C 84 32.26 3.71 -14.61
N PRO C 85 32.25 5.04 -14.66
CA PRO C 85 32.79 5.73 -15.85
C PRO C 85 34.30 5.54 -15.99
N GLU C 86 34.73 5.46 -17.26
CA GLU C 86 36.13 5.49 -17.61
C GLU C 86 36.64 6.93 -17.72
N GLN C 87 37.94 7.05 -18.02
CA GLN C 87 38.57 8.35 -18.14
C GLN C 87 37.99 9.14 -19.29
N GLY C 88 37.71 8.47 -20.41
CA GLY C 88 37.06 9.07 -21.55
C GLY C 88 35.64 8.53 -21.69
N TYR C 89 34.89 9.15 -22.59
CA TYR C 89 33.49 8.79 -22.80
C TYR C 89 33.36 7.35 -23.30
N THR C 90 32.47 6.58 -22.66
CA THR C 90 32.01 5.29 -23.15
C THR C 90 30.49 5.20 -23.02
N LYS C 91 29.88 4.39 -23.86
CA LYS C 91 28.44 4.27 -23.91
C LYS C 91 27.93 3.29 -22.85
N PHE C 92 26.81 3.63 -22.21
CA PHE C 92 26.09 2.77 -21.28
C PHE C 92 24.67 2.55 -21.80
N SER C 93 24.07 1.43 -21.40
CA SER C 93 22.76 0.99 -21.91
C SER C 93 22.00 0.20 -20.86
N TYR C 94 20.77 0.60 -20.57
CA TYR C 94 19.96 -0.09 -19.59
C TYR C 94 18.56 -0.31 -20.13
N GLU C 95 18.12 -1.56 -20.13
CA GLU C 95 16.80 -1.92 -20.61
C GLU C 95 15.75 -1.75 -19.52
N PHE C 96 14.54 -1.38 -19.93
CA PHE C 96 13.38 -1.29 -19.05
C PHE C 96 12.13 -1.53 -19.88
N GLU C 97 11.01 -1.77 -19.20
CA GLU C 97 9.76 -2.05 -19.91
C GLU C 97 8.59 -1.29 -19.30
N THR C 98 7.61 -1.01 -20.14
CA THR C 98 6.35 -0.42 -19.73
C THR C 98 5.25 -1.48 -19.66
N THR C 99 4.21 -1.19 -18.88
CA THR C 99 3.02 -2.05 -18.85
C THR C 99 1.87 -1.21 -19.40
N GLU C 100 0.82 -0.99 -18.62
CA GLU C 100 -0.33 -0.24 -19.10
C GLU C 100 -0.01 1.24 -19.31
N LYS C 101 -0.70 1.83 -20.29
CA LYS C 101 -0.66 3.27 -20.55
C LYS C 101 -1.67 3.97 -19.65
N ASP C 102 -1.33 4.09 -18.36
CA ASP C 102 -2.19 4.70 -17.37
C ASP C 102 -1.60 6.07 -16.96
N SER C 103 -1.92 6.53 -15.75
CA SER C 103 -1.48 7.84 -15.30
C SER C 103 -0.17 7.80 -14.50
N SER C 104 0.51 6.67 -14.44
CA SER C 104 1.76 6.63 -13.69
C SER C 104 2.91 7.17 -14.54
N ASN C 105 4.08 7.29 -13.90
CA ASN C 105 5.29 7.79 -14.52
C ASN C 105 6.38 6.72 -14.47
N ILE C 106 7.18 6.72 -15.51
CA ILE C 106 8.50 6.08 -15.55
C ILE C 106 9.49 7.03 -14.91
N GLU C 107 10.39 6.53 -14.08
CA GLU C 107 11.37 7.36 -13.42
C GLU C 107 12.77 6.87 -13.73
N ILE C 108 13.63 7.78 -14.15
CA ILE C 108 15.02 7.47 -14.43
C ILE C 108 15.87 8.42 -13.60
N THR C 109 16.80 7.85 -12.84
CA THR C 109 17.63 8.61 -11.92
C THR C 109 19.06 8.15 -12.03
N LEU C 110 19.97 9.10 -12.16
CA LEU C 110 21.41 8.84 -12.10
C LEU C 110 21.97 9.61 -10.91
N ILE C 111 22.66 8.89 -10.02
CA ILE C 111 23.24 9.46 -8.81
C ILE C 111 24.72 9.16 -8.83
N GLY C 112 25.54 10.20 -8.85
CA GLY C 112 26.99 10.05 -8.91
C GLY C 112 27.66 10.51 -7.64
N SER C 113 28.82 9.93 -7.35
CA SER C 113 29.74 10.52 -6.38
C SER C 113 30.62 11.56 -7.07
N GLY C 114 31.19 12.46 -6.28
CA GLY C 114 31.97 13.57 -6.79
C GLY C 114 31.46 14.21 -8.08
N THR C 115 32.32 14.28 -9.10
CA THR C 115 31.97 14.96 -10.34
C THR C 115 32.13 14.02 -11.52
N THR C 116 31.04 13.79 -12.25
CA THR C 116 31.08 13.02 -13.49
C THR C 116 30.40 13.83 -14.58
N TYR C 117 30.59 13.40 -15.83
CA TYR C 117 30.02 14.08 -17.01
C TYR C 117 29.11 13.14 -17.77
N LEU C 118 27.93 13.61 -18.12
CA LEU C 118 26.98 12.86 -18.92
C LEU C 118 26.70 13.57 -20.24
N ASP C 119 26.56 12.81 -21.33
CA ASP C 119 26.17 13.40 -22.60
C ASP C 119 25.30 12.46 -23.43
N ASN C 120 24.48 13.05 -24.30
CA ASN C 120 23.68 12.34 -25.32
C ASN C 120 22.84 11.23 -24.70
N LEU C 121 22.00 11.61 -23.74
CA LEU C 121 21.07 10.69 -23.10
C LEU C 121 19.87 10.45 -24.01
N SER C 122 19.57 9.18 -24.26
CA SER C 122 18.49 8.80 -25.16
C SER C 122 17.62 7.70 -24.52
N ILE C 123 16.37 7.66 -25.00
CA ILE C 123 15.43 6.57 -24.79
C ILE C 123 14.99 6.07 -26.17
N THR C 124 15.17 4.78 -26.41
CA THR C 124 14.90 4.16 -27.70
C THR C 124 14.01 2.94 -27.46
N GLU C 125 12.92 2.84 -28.21
CA GLU C 125 12.08 1.65 -28.09
C GLU C 125 12.70 0.52 -28.92
N LEU C 126 12.58 -0.70 -28.42
CA LEU C 126 13.02 -1.91 -29.11
C LEU C 126 11.82 -2.61 -29.73
N ASN C 127 12.06 -3.32 -30.84
CA ASN C 127 10.99 -4.05 -31.54
C ASN C 127 11.38 -5.50 -31.89
N PRO D 1 -14.76 1.83 11.88
CA PRO D 1 -13.50 2.43 11.39
C PRO D 1 -12.44 1.38 11.08
N THR D 2 -11.91 1.42 9.85
CA THR D 2 -10.85 0.50 9.48
C THR D 2 -9.53 0.88 10.17
N TYR D 3 -9.13 2.16 10.11
CA TYR D 3 -7.93 2.65 10.78
C TYR D 3 -8.29 3.81 11.68
N PHE D 4 -7.60 3.87 12.81
CA PHE D 4 -7.88 4.88 13.83
C PHE D 4 -6.61 5.12 14.63
N THR D 5 -6.43 6.37 15.05
CA THR D 5 -5.44 6.70 16.06
C THR D 5 -6.02 7.79 16.94
N ASN D 6 -5.76 7.69 18.24
CA ASN D 6 -6.14 8.72 19.18
C ASN D 6 -4.92 9.51 19.68
N PHE D 7 -3.74 9.25 19.10
CA PHE D 7 -2.49 9.92 19.47
C PHE D 7 -2.13 9.69 20.95
N ASP D 8 -2.72 8.65 21.54
CA ASP D 8 -2.48 8.28 22.93
C ASP D 8 -2.01 6.83 22.92
N ASP D 9 -2.88 5.89 23.26
CA ASP D 9 -2.50 4.49 23.32
C ASP D 9 -2.80 3.70 22.07
N TYR D 10 -3.70 4.16 21.20
CA TYR D 10 -4.17 3.34 20.07
C TYR D 10 -3.77 3.91 18.69
N ASN D 11 -3.24 3.05 17.83
CA ASN D 11 -2.99 3.41 16.44
C ASN D 11 -2.82 2.11 15.66
N ASN D 12 -3.77 1.80 14.77
CA ASN D 12 -3.64 0.64 13.89
C ASN D 12 -3.40 1.01 12.43
N TYR D 13 -2.97 2.25 12.15
CA TYR D 13 -2.62 2.60 10.78
C TYR D 13 -1.48 1.73 10.28
N PRO D 14 -1.47 1.36 8.99
CA PRO D 14 -0.40 0.51 8.46
C PRO D 14 0.83 1.26 7.97
N SER D 15 0.86 2.58 8.15
CA SER D 15 2.00 3.43 7.83
C SER D 15 2.03 4.56 8.85
N THR D 16 3.11 5.31 8.86
CA THR D 16 3.26 6.33 9.88
C THR D 16 2.75 7.67 9.36
N TRP D 17 2.11 8.39 10.24
CA TRP D 17 1.82 9.79 9.97
C TRP D 17 3.12 10.54 10.23
N SER D 18 3.53 11.36 9.28
CA SER D 18 4.71 12.20 9.45
C SER D 18 4.42 13.35 10.41
N ASN D 19 5.51 13.87 11.03
CA ASN D 19 5.48 15.14 11.78
C ASN D 19 4.40 15.14 12.87
N VAL D 20 4.38 14.11 13.68
CA VAL D 20 3.39 13.98 14.75
C VAL D 20 4.01 14.46 16.06
N ASN D 21 3.34 15.40 16.72
CA ASN D 21 3.81 15.98 17.97
C ASN D 21 2.71 15.84 19.02
N THR D 22 2.84 14.85 19.91
CA THR D 22 1.81 14.55 20.90
C THR D 22 2.24 14.81 22.34
N THR D 23 3.30 15.61 22.56
CA THR D 23 3.75 15.94 23.90
C THR D 23 2.92 17.13 24.43
N ASN D 24 1.63 16.83 24.64
CA ASN D 24 0.65 17.84 25.05
C ASN D 24 -0.53 17.11 25.67
N GLN D 25 -1.43 17.88 26.29
CA GLN D 25 -2.71 17.38 26.78
C GLN D 25 -3.87 18.18 26.19
N ASP D 26 -3.78 18.49 24.89
CA ASP D 26 -4.77 19.29 24.17
C ASP D 26 -5.71 18.45 23.33
N GLY D 27 -5.75 17.13 23.57
CA GLY D 27 -6.60 16.26 22.76
C GLY D 27 -8.08 16.44 23.05
N LEU D 28 -8.90 15.85 22.20
CA LEU D 28 -10.30 15.68 22.55
C LEU D 28 -10.40 14.81 23.79
N GLN D 29 -9.62 13.74 23.83
CA GLN D 29 -9.27 13.00 25.03
C GLN D 29 -7.76 12.85 25.03
N GLY D 30 -7.14 13.02 26.19
CA GLY D 30 -5.70 12.80 26.26
C GLY D 30 -4.90 13.78 25.41
N SER D 31 -3.98 13.24 24.60
CA SER D 31 -3.11 14.04 23.76
C SER D 31 -3.75 14.33 22.39
N ALA D 32 -3.18 15.32 21.70
CA ALA D 32 -3.52 15.69 20.34
C ALA D 32 -2.28 15.66 19.48
N ASN D 33 -2.45 15.60 18.16
CA ASN D 33 -1.33 15.93 17.28
C ASN D 33 -1.30 17.44 17.14
N LYS D 34 -0.25 18.04 17.70
CA LYS D 34 -0.04 19.49 17.63
C LYS D 34 0.57 19.78 16.26
N LEU D 35 -0.24 20.26 15.35
CA LEU D 35 0.13 20.37 13.95
C LEU D 35 0.77 21.74 13.69
N ASN D 36 2.04 21.73 13.32
CA ASN D 36 2.69 22.98 12.94
C ASN D 36 2.73 23.17 11.43
N GLY D 37 3.43 22.29 10.71
CA GLY D 37 3.41 22.40 9.26
C GLY D 37 2.47 21.41 8.61
N GLU D 38 3.05 20.33 8.09
CA GLU D 38 2.34 19.32 7.34
C GLU D 38 2.42 17.98 8.07
N THR D 39 1.33 17.20 8.02
CA THR D 39 1.34 15.80 8.46
C THR D 39 0.76 14.94 7.33
N LYS D 40 1.49 13.89 6.95
CA LYS D 40 1.14 13.15 5.74
C LYS D 40 1.27 11.63 5.96
N ILE D 41 0.39 10.86 5.31
CA ILE D 41 0.47 9.41 5.34
C ILE D 41 0.29 8.85 3.93
N LYS D 42 1.06 7.81 3.61
CA LYS D 42 0.95 7.03 2.38
C LYS D 42 0.48 5.64 2.77
N ILE D 43 -0.73 5.28 2.37
CA ILE D 43 -1.30 3.98 2.70
C ILE D 43 -1.27 3.12 1.43
N PRO D 44 -0.56 2.00 1.43
CA PRO D 44 -0.51 1.16 0.22
C PRO D 44 -1.88 0.60 -0.13
N MET D 45 -2.14 0.48 -1.44
CA MET D 45 -3.38 -0.14 -1.92
C MET D 45 -3.53 -1.58 -1.42
N SER D 46 -2.41 -2.27 -1.14
CA SER D 46 -2.48 -3.59 -0.50
C SER D 46 -3.21 -3.56 0.83
N GLU D 47 -3.36 -2.39 1.47
CA GLU D 47 -3.98 -2.32 2.79
C GLU D 47 -5.39 -1.75 2.74
N LEU D 48 -5.98 -1.61 1.55
CA LEU D 48 -7.34 -1.11 1.39
C LEU D 48 -8.12 -1.99 0.42
N LYS D 49 -9.46 -1.85 0.45
CA LYS D 49 -10.34 -2.55 -0.48
C LYS D 49 -10.41 -1.84 -1.84
N PRO D 50 -10.47 -2.60 -2.93
CA PRO D 50 -10.52 -1.97 -4.26
C PRO D 50 -11.93 -1.46 -4.58
N TYR D 51 -11.97 -0.46 -5.48
CA TYR D 51 -13.23 0.13 -5.96
C TYR D 51 -14.19 0.44 -4.81
N LYS D 52 -13.64 1.02 -3.75
CA LYS D 52 -14.37 1.26 -2.51
C LYS D 52 -14.42 2.76 -2.22
N ARG D 53 -15.51 3.16 -1.58
CA ARG D 53 -15.67 4.50 -1.06
C ARG D 53 -15.25 4.53 0.40
N TYR D 54 -14.56 5.60 0.79
CA TYR D 54 -14.05 5.72 2.15
C TYR D 54 -14.27 7.14 2.64
N VAL D 55 -14.23 7.30 3.96
CA VAL D 55 -14.30 8.62 4.57
C VAL D 55 -13.12 8.79 5.55
N PHE D 56 -12.41 9.91 5.41
CA PHE D 56 -11.35 10.30 6.32
C PHE D 56 -11.93 11.31 7.28
N SER D 57 -11.94 10.98 8.56
CA SER D 57 -12.54 11.84 9.56
C SER D 57 -11.56 12.12 10.69
N GLY D 58 -11.94 13.08 11.51
CA GLY D 58 -11.11 13.51 12.62
C GLY D 58 -11.77 14.69 13.28
N TYR D 59 -11.05 15.27 14.24
CA TYR D 59 -11.47 16.44 14.98
C TYR D 59 -10.33 17.46 14.95
N SER D 60 -10.68 18.74 14.83
CA SER D 60 -9.66 19.78 14.81
C SER D 60 -10.13 20.96 15.66
N LYS D 61 -9.17 21.75 16.11
CA LYS D 61 -9.48 23.00 16.79
C LYS D 61 -8.30 23.95 16.66
N ASP D 62 -8.61 25.23 16.82
CA ASP D 62 -7.59 26.26 16.93
C ASP D 62 -8.06 27.22 18.01
N PRO D 63 -7.45 27.18 19.20
CA PRO D 63 -7.94 28.04 20.29
C PRO D 63 -7.90 29.53 19.96
N LEU D 64 -6.90 29.99 19.20
CA LEU D 64 -6.81 31.38 18.76
C LEU D 64 -7.64 31.67 17.52
N THR D 65 -8.27 30.64 16.94
CA THR D 65 -9.16 30.71 15.78
C THR D 65 -8.65 31.67 14.68
N SER D 66 -7.35 31.59 14.38
CA SER D 66 -6.82 32.40 13.28
C SER D 66 -6.02 31.56 12.28
N ASN D 67 -6.36 30.28 12.09
CA ASN D 67 -5.60 29.43 11.19
C ASN D 67 -6.54 28.56 10.37
N SER D 68 -5.99 27.98 9.30
CA SER D 68 -6.72 27.07 8.43
C SER D 68 -5.83 25.92 8.01
N ILE D 69 -6.46 24.90 7.43
CA ILE D 69 -5.79 23.66 7.05
C ILE D 69 -6.22 23.29 5.64
N ILE D 70 -5.26 22.85 4.83
CA ILE D 70 -5.55 22.22 3.54
C ILE D 70 -5.52 20.73 3.75
N VAL D 71 -6.59 20.05 3.33
CA VAL D 71 -6.64 18.60 3.34
C VAL D 71 -6.55 18.14 1.90
N LYS D 72 -5.52 17.36 1.58
CA LYS D 72 -5.33 16.82 0.25
C LYS D 72 -5.42 15.29 0.31
N ILE D 73 -6.24 14.71 -0.55
CA ILE D 73 -6.31 13.26 -0.69
C ILE D 73 -6.05 12.90 -2.13
N LYS D 74 -5.10 12.01 -2.33
CA LYS D 74 -4.67 11.51 -3.61
C LYS D 74 -5.14 10.06 -3.64
N ALA D 75 -6.28 9.83 -4.29
CA ALA D 75 -6.85 8.50 -4.42
C ALA D 75 -7.27 8.31 -5.88
N LYS D 76 -8.51 7.89 -6.13
CA LYS D 76 -9.00 7.88 -7.51
C LYS D 76 -8.87 9.26 -8.14
N GLU D 77 -9.30 10.29 -7.43
CA GLU D 77 -9.02 11.65 -7.83
C GLU D 77 -8.04 12.28 -6.84
N GLU D 78 -7.50 13.43 -7.24
CA GLU D 78 -6.52 14.17 -6.44
C GLU D 78 -7.15 15.52 -6.05
N LYS D 79 -7.99 15.50 -5.01
CA LYS D 79 -8.81 16.64 -4.58
C LYS D 79 -8.30 17.23 -3.25
N THR D 80 -8.14 18.56 -3.21
CA THR D 80 -7.85 19.29 -1.97
C THR D 80 -9.14 19.87 -1.40
N ASP D 81 -9.08 20.21 -0.11
CA ASP D 81 -10.22 20.78 0.61
C ASP D 81 -9.70 21.80 1.61
N TYR D 82 -10.59 22.71 1.99
CA TYR D 82 -10.24 23.81 2.88
C TYR D 82 -10.96 23.57 4.22
N LEU D 83 -10.18 23.45 5.29
CA LEU D 83 -10.69 23.09 6.62
C LEU D 83 -10.40 24.23 7.60
N VAL D 84 -11.45 24.83 8.14
CA VAL D 84 -11.28 25.94 9.08
C VAL D 84 -11.67 25.50 10.49
N PRO D 85 -10.71 25.27 11.38
CA PRO D 85 -11.06 24.82 12.74
C PRO D 85 -11.75 25.92 13.53
N GLU D 86 -12.71 25.51 14.35
CA GLU D 86 -13.33 26.38 15.34
C GLU D 86 -12.48 26.41 16.61
N GLN D 87 -12.93 27.20 17.58
CA GLN D 87 -12.18 27.38 18.82
C GLN D 87 -12.09 26.07 19.60
N GLY D 88 -13.16 25.29 19.61
CA GLY D 88 -13.16 23.97 20.21
C GLY D 88 -13.30 22.91 19.13
N TYR D 89 -13.16 21.65 19.57
CA TYR D 89 -13.11 20.53 18.64
C TYR D 89 -14.43 20.37 17.91
N THR D 90 -14.35 20.17 16.59
CA THR D 90 -15.49 19.79 15.77
C THR D 90 -15.02 18.70 14.81
N LYS D 91 -15.96 17.83 14.42
CA LYS D 91 -15.65 16.75 13.51
C LYS D 91 -15.54 17.27 12.08
N PHE D 92 -14.57 16.74 11.33
CA PHE D 92 -14.49 16.93 9.90
C PHE D 92 -14.56 15.57 9.20
N SER D 93 -14.96 15.59 7.93
CA SER D 93 -15.16 14.34 7.21
C SER D 93 -14.97 14.60 5.72
N TYR D 94 -14.23 13.71 5.05
CA TYR D 94 -13.86 13.89 3.63
C TYR D 94 -13.86 12.55 2.92
N GLU D 95 -14.65 12.45 1.86
CA GLU D 95 -14.77 11.22 1.09
C GLU D 95 -13.64 11.10 0.06
N PHE D 96 -13.31 9.85 -0.26
CA PHE D 96 -12.39 9.54 -1.34
C PHE D 96 -12.69 8.12 -1.79
N GLU D 97 -12.11 7.74 -2.91
CA GLU D 97 -12.42 6.46 -3.53
C GLU D 97 -11.15 5.78 -3.98
N THR D 98 -11.14 4.46 -3.89
CA THR D 98 -10.04 3.66 -4.42
C THR D 98 -10.46 3.05 -5.75
N THR D 99 -9.46 2.65 -6.52
CA THR D 99 -9.70 1.92 -7.76
C THR D 99 -9.17 0.50 -7.60
N GLU D 100 -8.19 0.09 -8.41
CA GLU D 100 -7.73 -1.29 -8.38
C GLU D 100 -6.59 -1.48 -7.39
N LYS D 101 -6.44 -2.72 -6.90
CA LYS D 101 -5.42 -3.13 -5.93
C LYS D 101 -4.09 -3.35 -6.63
N ASP D 102 -3.36 -2.26 -6.82
CA ASP D 102 -2.03 -2.28 -7.42
C ASP D 102 -0.99 -1.96 -6.33
N SER D 103 0.25 -1.70 -6.75
CA SER D 103 1.28 -1.33 -5.81
C SER D 103 1.40 0.19 -5.59
N SER D 104 0.33 0.94 -5.81
CA SER D 104 0.37 2.37 -5.56
C SER D 104 -0.11 2.67 -4.13
N ASN D 105 -0.07 3.96 -3.75
CA ASN D 105 -0.46 4.42 -2.42
C ASN D 105 -1.59 5.44 -2.49
N ILE D 106 -2.48 5.37 -1.52
CA ILE D 106 -3.37 6.48 -1.19
C ILE D 106 -2.57 7.49 -0.36
N GLU D 107 -2.70 8.77 -0.64
CA GLU D 107 -1.98 9.76 0.16
C GLU D 107 -2.96 10.72 0.81
N ILE D 108 -2.81 10.91 2.11
CA ILE D 108 -3.60 11.88 2.86
C ILE D 108 -2.66 12.87 3.51
N THR D 109 -2.91 14.16 3.28
CA THR D 109 -2.02 15.23 3.72
C THR D 109 -2.84 16.34 4.36
N LEU D 110 -2.43 16.78 5.54
CA LEU D 110 -3.01 17.95 6.19
C LEU D 110 -1.91 18.97 6.38
N ILE D 111 -2.11 20.17 5.83
CA ILE D 111 -1.14 21.26 5.94
C ILE D 111 -1.82 22.44 6.59
N GLY D 112 -1.31 22.87 7.74
CA GLY D 112 -1.95 23.97 8.42
C GLY D 112 -1.09 25.22 8.49
N SER D 113 -1.73 26.37 8.69
CA SER D 113 -0.99 27.55 9.11
C SER D 113 -0.88 27.58 10.63
N GLY D 114 0.14 28.27 11.12
CA GLY D 114 0.31 28.40 12.56
C GLY D 114 0.24 27.09 13.30
N THR D 115 -0.50 27.07 14.41
CA THR D 115 -0.60 25.90 15.26
C THR D 115 -2.07 25.50 15.38
N THR D 116 -2.37 24.26 15.01
CA THR D 116 -3.70 23.69 15.13
C THR D 116 -3.57 22.33 15.80
N TYR D 117 -4.70 21.79 16.27
CA TYR D 117 -4.71 20.52 17.00
C TYR D 117 -5.61 19.50 16.30
N LEU D 118 -5.08 18.31 16.08
CA LEU D 118 -5.84 17.21 15.49
C LEU D 118 -5.97 16.06 16.48
N ASP D 119 -7.14 15.41 16.48
CA ASP D 119 -7.31 14.20 17.28
C ASP D 119 -8.22 13.20 16.56
N ASN D 120 -8.04 11.93 16.92
CA ASN D 120 -8.97 10.85 16.57
C ASN D 120 -9.21 10.76 15.07
N LEU D 121 -8.12 10.61 14.33
CA LEU D 121 -8.17 10.53 12.88
C LEU D 121 -8.56 9.11 12.45
N SER D 122 -9.56 8.98 11.58
CA SER D 122 -10.07 7.68 11.18
C SER D 122 -10.25 7.59 9.67
N ILE D 123 -10.22 6.34 9.20
CA ILE D 123 -10.58 5.97 7.84
C ILE D 123 -11.62 4.87 7.94
N THR D 124 -12.83 5.14 7.46
CA THR D 124 -13.97 4.24 7.58
C THR D 124 -14.51 3.91 6.20
N GLU D 125 -14.87 2.64 6.00
CA GLU D 125 -15.52 2.25 4.76
C GLU D 125 -16.92 2.83 4.68
N LEU D 126 -17.37 3.06 3.45
CA LEU D 126 -18.71 3.52 3.16
C LEU D 126 -19.46 2.44 2.39
N ASN D 127 -20.64 2.10 2.86
CA ASN D 127 -21.49 1.13 2.16
C ASN D 127 -22.92 1.65 2.02
CA CA E . -18.72 -22.06 -8.43
CA CA F . 9.93 -0.82 19.52
CA CA G . 26.78 17.69 -25.70
CA CA H . -6.15 11.90 21.91
#